data_3OAJ
#
_entry.id   3OAJ
#
_cell.length_a   50.215
_cell.length_b   86.181
_cell.length_c   72.968
_cell.angle_alpha   90.000
_cell.angle_beta   91.650
_cell.angle_gamma   90.000
#
_symmetry.space_group_name_H-M   'P 1 21 1'
#
loop_
_entity.id
_entity.type
_entity.pdbx_description
1 polymer 'Putative ring-cleaving dioxygenase mhqO'
2 non-polymer 'ZINC ION'
3 non-polymer 'SULFATE ION'
4 water water
#
_entity_poly.entity_id   1
_entity_poly.type   'polypeptide(L)'
_entity_poly.pdbx_seq_one_letter_code
;VMAKKTMGIHHITAIVGHPQENTDFYAGVLGLRLVKQTVNFDDPGTYHLYFGNEGGKPGTIITFFPWAGARQGVIGDGQV
GVTSYVVPKGAMAFWEKRLEKFNVPYTKIERFGEQYVEFDDPHGLHLEIVEREEGEANTWTFGEVTPDVAIKGFGGATLL
SEQPDKTADLLENIMGLERVGKEGDFVRYRSAGDIGNVIDLKLTPIGRGQMGAGTVHHIAWRANDDEDQLDWQRYIASHG
YGVTPVRDRNYFNAIYFREHGEILFEIATDPPGFAHDETQETMGEKLMLPVQYEPHRTQIEQGLLPFEVRELDAENLYFQ
SHHHHHHWSHPQFEK
;
_entity_poly.pdbx_strand_id   A,B
#
# COMPACT_ATOMS: atom_id res chain seq x y z
N ALA A 3 -25.31 -8.01 4.06
CA ALA A 3 -24.17 -7.66 3.15
C ALA A 3 -24.05 -8.63 1.95
N LYS A 4 -22.82 -8.95 1.57
CA LYS A 4 -22.56 -9.74 0.35
C LYS A 4 -22.02 -11.13 0.71
N LYS A 5 -21.96 -12.03 -0.28
CA LYS A 5 -21.41 -13.38 -0.09
C LYS A 5 -20.66 -13.90 -1.32
N THR A 6 -19.36 -14.06 -1.20
CA THR A 6 -18.55 -14.62 -2.29
C THR A 6 -18.43 -16.13 -2.18
N MET A 7 -18.41 -16.83 -3.31
CA MET A 7 -18.18 -18.26 -3.32
C MET A 7 -16.78 -18.66 -2.84
N GLY A 8 -15.82 -17.75 -2.98
CA GLY A 8 -14.44 -18.09 -2.62
C GLY A 8 -13.43 -17.40 -3.51
N ILE A 9 -12.20 -17.87 -3.46
CA ILE A 9 -11.13 -17.32 -4.28
C ILE A 9 -11.41 -17.56 -5.78
N HIS A 10 -11.20 -16.50 -6.57
CA HIS A 10 -11.20 -16.57 -8.03
C HIS A 10 -9.79 -16.91 -8.50
N HIS A 11 -8.83 -16.07 -8.17
CA HIS A 11 -7.42 -16.34 -8.49
C HIS A 11 -6.55 -15.61 -7.49
N ILE A 12 -5.26 -15.97 -7.48
CA ILE A 12 -4.24 -15.27 -6.74
C ILE A 12 -3.14 -14.91 -7.72
N THR A 13 -2.55 -13.75 -7.50
CA THR A 13 -1.56 -13.21 -8.43
C THR A 13 -0.28 -12.87 -7.69
N ALA A 14 0.83 -13.36 -8.24
CA ALA A 14 2.14 -13.19 -7.63
C ALA A 14 3.19 -12.69 -8.62
N ILE A 15 4.17 -11.96 -8.08
CA ILE A 15 5.34 -11.57 -8.86
C ILE A 15 6.41 -12.61 -8.59
N VAL A 16 6.99 -13.15 -9.66
CA VAL A 16 8.03 -14.19 -9.54
C VAL A 16 9.20 -13.92 -10.49
N GLY A 17 10.07 -14.91 -10.65
CA GLY A 17 11.28 -14.81 -11.47
C GLY A 17 11.09 -15.31 -12.90
N HIS A 18 12.15 -15.88 -13.46
CA HIS A 18 12.15 -16.32 -14.86
C HIS A 18 10.92 -17.15 -15.24
N PRO A 19 10.28 -16.84 -16.38
CA PRO A 19 9.11 -17.62 -16.81
C PRO A 19 9.35 -19.11 -17.02
N GLN A 20 10.54 -19.52 -17.46
CA GLN A 20 10.81 -20.94 -17.63
C GLN A 20 10.87 -21.67 -16.28
N GLU A 21 11.50 -21.04 -15.30
CA GLU A 21 11.58 -21.59 -13.95
C GLU A 21 10.20 -21.69 -13.31
N ASN A 22 9.42 -20.61 -13.46
CA ASN A 22 8.03 -20.59 -12.99
C ASN A 22 7.23 -21.72 -13.62
N THR A 23 7.32 -21.86 -14.93
CA THR A 23 6.55 -22.88 -15.63
C THR A 23 7.01 -24.30 -15.27
N ASP A 24 8.32 -24.50 -15.19
CA ASP A 24 8.83 -25.83 -14.81
C ASP A 24 8.29 -26.23 -13.44
N PHE A 25 8.06 -25.26 -12.54
CA PHE A 25 7.50 -25.63 -11.25
C PHE A 25 5.99 -25.89 -11.33
N TYR A 26 5.23 -24.91 -11.82
CA TYR A 26 3.77 -24.97 -11.77
C TYR A 26 3.17 -25.99 -12.73
N ALA A 27 3.76 -26.12 -13.93
CA ALA A 27 3.38 -27.18 -14.87
C ALA A 27 4.18 -28.46 -14.64
N GLY A 28 5.51 -28.35 -14.62
CA GLY A 28 6.39 -29.52 -14.51
C GLY A 28 6.23 -30.32 -13.22
N VAL A 29 6.27 -29.62 -12.09
CA VAL A 29 6.18 -30.30 -10.79
C VAL A 29 4.72 -30.45 -10.34
N LEU A 30 3.98 -29.34 -10.34
CA LEU A 30 2.63 -29.35 -9.78
C LEU A 30 1.57 -29.83 -10.77
N GLY A 31 1.93 -29.93 -12.05
CA GLY A 31 1.04 -30.50 -13.05
C GLY A 31 -0.11 -29.61 -13.49
N LEU A 32 -0.07 -28.32 -13.13
CA LEU A 32 -1.13 -27.39 -13.53
C LEU A 32 -1.03 -27.06 -14.99
N ARG A 33 -2.17 -26.74 -15.59
CA ARG A 33 -2.22 -26.38 -17.00
C ARG A 33 -1.96 -24.90 -17.14
N LEU A 34 -1.09 -24.54 -18.08
CA LEU A 34 -0.95 -23.15 -18.48
C LEU A 34 -2.14 -22.85 -19.37
N VAL A 35 -3.12 -22.14 -18.81
CA VAL A 35 -4.38 -21.88 -19.51
C VAL A 35 -4.36 -20.58 -20.30
N LYS A 36 -3.42 -19.68 -20.01
CA LYS A 36 -3.32 -18.42 -20.76
C LYS A 36 -1.94 -17.82 -20.64
N GLN A 37 -1.34 -17.50 -21.79
CA GLN A 37 -0.16 -16.66 -21.79
C GLN A 37 -0.53 -15.36 -22.46
N THR A 38 -0.34 -14.29 -21.70
CA THR A 38 -0.62 -12.96 -22.20
C THR A 38 0.43 -12.04 -21.63
N VAL A 39 0.15 -10.74 -21.65
CA VAL A 39 1.05 -9.75 -21.07
C VAL A 39 0.34 -8.97 -19.97
N ASN A 40 1.12 -8.31 -19.12
CA ASN A 40 0.57 -7.40 -18.11
C ASN A 40 -0.11 -6.23 -18.80
N PHE A 41 -1.36 -5.96 -18.43
CA PHE A 41 -2.08 -4.83 -18.98
C PHE A 41 -1.35 -3.51 -18.79
N ASP A 42 -0.69 -3.37 -17.65
CA ASP A 42 0.06 -2.16 -17.31
C ASP A 42 1.43 -2.10 -17.99
N ASP A 43 2.11 -3.26 -18.04
CA ASP A 43 3.42 -3.36 -18.68
C ASP A 43 3.41 -4.45 -19.75
N PRO A 44 3.20 -4.05 -21.01
CA PRO A 44 3.13 -4.92 -22.20
C PRO A 44 4.39 -5.75 -22.46
N GLY A 45 5.52 -5.36 -21.87
CA GLY A 45 6.78 -6.08 -22.05
C GLY A 45 7.03 -7.15 -21.01
N THR A 46 6.00 -7.47 -20.23
CA THR A 46 6.10 -8.47 -19.18
C THR A 46 4.97 -9.46 -19.36
N TYR A 47 5.29 -10.75 -19.26
CA TYR A 47 4.28 -11.81 -19.31
C TYR A 47 3.29 -11.68 -18.18
N HIS A 48 2.08 -12.16 -18.46
CA HIS A 48 1.16 -12.53 -17.41
C HIS A 48 0.72 -13.94 -17.75
N LEU A 49 1.10 -14.89 -16.88
CA LEU A 49 0.80 -16.30 -17.10
C LEU A 49 -0.27 -16.75 -16.13
N TYR A 50 -1.24 -17.52 -16.63
CA TYR A 50 -2.31 -18.08 -15.81
C TYR A 50 -2.25 -19.61 -15.87
N PHE A 51 -2.16 -20.22 -14.69
CA PHE A 51 -2.19 -21.68 -14.56
C PHE A 51 -3.45 -22.07 -13.79
N GLY A 52 -3.97 -23.26 -14.07
CA GLY A 52 -5.12 -23.73 -13.32
C GLY A 52 -5.39 -25.20 -13.59
N ASN A 53 -6.63 -25.62 -13.34
CA ASN A 53 -7.04 -26.98 -13.67
C ASN A 53 -7.29 -27.11 -15.18
N GLU A 54 -7.84 -28.24 -15.61
CA GLU A 54 -8.01 -28.48 -17.05
C GLU A 54 -8.79 -27.34 -17.73
N GLY A 55 -9.70 -26.70 -16.99
CA GLY A 55 -10.56 -25.66 -17.55
C GLY A 55 -10.22 -24.25 -17.14
N GLY A 56 -9.14 -24.10 -16.36
CA GLY A 56 -8.80 -22.81 -15.76
C GLY A 56 -9.98 -22.24 -14.98
N LYS A 57 -10.67 -23.09 -14.22
CA LYS A 57 -11.91 -22.71 -13.54
C LYS A 57 -11.63 -21.76 -12.38
N PRO A 58 -12.57 -20.84 -12.10
CA PRO A 58 -12.39 -19.99 -10.92
C PRO A 58 -12.16 -20.83 -9.68
N GLY A 59 -11.23 -20.38 -8.84
CA GLY A 59 -10.87 -21.12 -7.64
C GLY A 59 -9.71 -22.07 -7.83
N THR A 60 -9.19 -22.15 -9.07
CA THR A 60 -8.02 -22.97 -9.39
C THR A 60 -6.86 -22.18 -9.98
N ILE A 61 -7.07 -20.87 -10.18
CA ILE A 61 -6.22 -20.04 -11.03
C ILE A 61 -5.13 -19.32 -10.26
N ILE A 62 -3.89 -19.71 -10.51
CA ILE A 62 -2.73 -19.01 -9.97
C ILE A 62 -2.07 -18.28 -11.13
N THR A 63 -1.78 -17.00 -10.92
CA THR A 63 -1.30 -16.14 -11.99
C THR A 63 0.00 -15.46 -11.60
N PHE A 64 0.83 -15.17 -12.62
CA PHE A 64 2.19 -14.71 -12.35
C PHE A 64 2.62 -13.59 -13.28
N PHE A 65 3.33 -12.62 -12.71
CA PHE A 65 4.13 -11.69 -13.49
C PHE A 65 5.60 -12.14 -13.36
N PRO A 66 6.11 -12.91 -14.33
CA PRO A 66 7.47 -13.39 -14.21
C PRO A 66 8.47 -12.37 -14.75
N TRP A 67 9.23 -11.75 -13.86
CA TRP A 67 10.35 -10.94 -14.34
C TRP A 67 11.71 -11.37 -13.78
N ALA A 68 12.50 -11.99 -14.65
CA ALA A 68 13.80 -12.55 -14.31
C ALA A 68 14.74 -11.49 -13.77
N GLY A 69 15.54 -11.87 -12.77
CA GLY A 69 16.45 -10.95 -12.10
C GLY A 69 16.12 -10.75 -10.63
N ALA A 70 14.93 -11.23 -10.24
CA ALA A 70 14.47 -11.24 -8.84
C ALA A 70 14.70 -9.94 -8.07
N ARG A 71 13.85 -8.94 -8.34
CA ARG A 71 13.81 -7.72 -7.52
C ARG A 71 13.03 -8.09 -6.27
N GLN A 72 13.70 -8.80 -5.36
CA GLN A 72 13.06 -9.58 -4.30
C GLN A 72 12.31 -8.76 -3.24
N GLY A 73 11.06 -9.17 -2.99
CA GLY A 73 10.28 -8.63 -1.89
C GLY A 73 10.48 -9.47 -0.63
N VAL A 74 9.73 -9.14 0.41
CA VAL A 74 9.77 -9.87 1.68
C VAL A 74 8.34 -10.19 2.07
N ILE A 75 8.08 -11.47 2.36
CA ILE A 75 6.77 -11.92 2.81
C ILE A 75 6.49 -11.40 4.22
N GLY A 76 5.34 -10.74 4.40
CA GLY A 76 4.98 -10.16 5.70
C GLY A 76 3.57 -9.63 5.70
N ASP A 77 3.21 -8.96 6.79
CA ASP A 77 1.87 -8.38 6.93
C ASP A 77 1.51 -7.49 5.75
N GLY A 78 0.21 -7.48 5.43
CA GLY A 78 -0.30 -6.84 4.24
C GLY A 78 -0.28 -7.73 2.98
N GLN A 79 -0.11 -9.04 3.15
CA GLN A 79 -0.04 -9.98 2.03
C GLN A 79 -0.72 -11.29 2.36
N VAL A 80 -1.16 -12.02 1.33
CA VAL A 80 -1.34 -13.45 1.45
C VAL A 80 0.00 -14.09 1.80
N GLY A 81 0.04 -14.82 2.91
CA GLY A 81 1.27 -15.46 3.37
C GLY A 81 1.50 -16.83 2.77
N VAL A 82 0.45 -17.64 2.66
CA VAL A 82 0.54 -19.00 2.15
C VAL A 82 -0.63 -19.27 1.19
N THR A 83 -0.32 -19.90 0.07
CA THR A 83 -1.35 -20.30 -0.87
C THR A 83 -1.54 -21.81 -0.71
N SER A 84 -2.80 -22.22 -0.54
CA SER A 84 -3.15 -23.60 -0.19
C SER A 84 -3.73 -24.30 -1.42
N TYR A 85 -3.20 -25.48 -1.76
CA TYR A 85 -3.67 -26.31 -2.87
C TYR A 85 -4.29 -27.58 -2.33
N VAL A 86 -5.48 -27.90 -2.81
CA VAL A 86 -6.20 -29.10 -2.37
C VAL A 86 -6.04 -30.26 -3.34
N VAL A 87 -5.80 -31.44 -2.78
CA VAL A 87 -5.66 -32.67 -3.55
C VAL A 87 -6.66 -33.72 -3.04
N PRO A 88 -6.89 -34.78 -3.83
CA PRO A 88 -7.83 -35.81 -3.36
C PRO A 88 -7.43 -36.51 -2.07
N LYS A 89 -8.40 -37.06 -1.36
CA LYS A 89 -8.11 -37.84 -0.15
C LYS A 89 -7.19 -39.00 -0.53
N GLY A 90 -6.13 -39.17 0.24
CA GLY A 90 -5.14 -40.22 0.02
C GLY A 90 -3.98 -39.85 -0.85
N ALA A 91 -3.97 -38.65 -1.43
CA ALA A 91 -2.93 -38.28 -2.38
C ALA A 91 -1.68 -37.65 -1.74
N MET A 92 -1.68 -37.42 -0.43
CA MET A 92 -0.55 -36.75 0.22
CA MET A 92 -0.55 -36.75 0.22
C MET A 92 0.79 -37.40 -0.11
N ALA A 93 0.87 -38.74 -0.02
CA ALA A 93 2.11 -39.47 -0.29
C ALA A 93 2.60 -39.32 -1.72
N PHE A 94 1.68 -39.16 -2.67
CA PHE A 94 2.08 -38.94 -4.05
C PHE A 94 2.91 -37.66 -4.09
N TRP A 95 2.39 -36.61 -3.45
CA TRP A 95 3.02 -35.30 -3.47
C TRP A 95 4.31 -35.25 -2.68
N GLU A 96 4.33 -35.92 -1.53
CA GLU A 96 5.55 -35.96 -0.73
C GLU A 96 6.68 -36.64 -1.50
N LYS A 97 6.39 -37.81 -2.08
CA LYS A 97 7.42 -38.55 -2.84
C LYS A 97 7.84 -37.76 -4.10
N ARG A 98 6.88 -37.09 -4.73
CA ARG A 98 7.18 -36.27 -5.91
C ARG A 98 8.06 -35.08 -5.56
N LEU A 99 7.74 -34.36 -4.49
CA LEU A 99 8.62 -33.27 -4.04
C LEU A 99 10.05 -33.75 -3.73
N GLU A 100 10.15 -34.88 -3.07
CA GLU A 100 11.45 -35.51 -2.83
CA GLU A 100 11.47 -35.52 -2.82
C GLU A 100 12.23 -35.81 -4.10
N LYS A 101 11.56 -36.37 -5.09
CA LYS A 101 12.14 -36.70 -6.40
C LYS A 101 12.72 -35.44 -7.06
N PHE A 102 12.03 -34.31 -6.86
CA PHE A 102 12.48 -33.04 -7.43
C PHE A 102 13.36 -32.21 -6.51
N ASN A 103 13.80 -32.80 -5.39
CA ASN A 103 14.69 -32.13 -4.44
CA ASN A 103 14.71 -32.11 -4.46
C ASN A 103 14.10 -30.86 -3.83
N VAL A 104 12.78 -30.86 -3.66
CA VAL A 104 12.07 -29.75 -3.02
C VAL A 104 11.81 -30.11 -1.55
N PRO A 105 12.46 -29.40 -0.61
CA PRO A 105 12.21 -29.77 0.79
C PRO A 105 10.79 -29.42 1.22
N TYR A 106 10.23 -30.27 2.07
CA TYR A 106 8.91 -29.99 2.64
C TYR A 106 8.87 -30.30 4.12
N THR A 107 7.91 -29.68 4.78
CA THR A 107 7.65 -29.92 6.19
C THR A 107 6.19 -30.33 6.33
N LYS A 108 5.87 -30.99 7.43
CA LYS A 108 4.49 -31.39 7.70
C LYS A 108 3.98 -30.66 8.95
N ILE A 109 2.84 -30.01 8.82
CA ILE A 109 2.22 -29.33 9.97
C ILE A 109 0.76 -29.74 10.06
N GLU A 110 0.19 -29.58 11.25
CA GLU A 110 -1.23 -29.87 11.45
C GLU A 110 -1.91 -28.63 11.98
N ARG A 111 -3.08 -28.32 11.44
CA ARG A 111 -3.99 -27.37 12.10
C ARG A 111 -5.43 -27.70 11.77
N PHE A 112 -6.33 -27.38 12.69
CA PHE A 112 -7.75 -27.68 12.53
C PHE A 112 -8.02 -29.14 12.12
N GLY A 113 -7.23 -30.06 12.66
CA GLY A 113 -7.42 -31.49 12.43
C GLY A 113 -6.96 -31.95 11.06
N GLU A 114 -6.34 -31.04 10.29
CA GLU A 114 -5.86 -31.39 8.96
C GLU A 114 -4.35 -31.39 8.88
N GLN A 115 -3.82 -32.29 8.07
CA GLN A 115 -2.38 -32.35 7.84
C GLN A 115 -2.00 -31.62 6.54
N TYR A 116 -0.95 -30.81 6.64
CA TYR A 116 -0.46 -30.00 5.51
C TYR A 116 0.97 -30.32 5.19
N VAL A 117 1.29 -30.34 3.90
CA VAL A 117 2.66 -30.36 3.43
C VAL A 117 3.01 -28.92 3.05
N GLU A 118 4.04 -28.36 3.69
CA GLU A 118 4.50 -27.00 3.46
C GLU A 118 5.77 -27.03 2.63
N PHE A 119 5.83 -26.17 1.61
CA PHE A 119 7.02 -26.05 0.77
C PHE A 119 7.01 -24.70 0.06
N ASP A 120 8.18 -24.29 -0.45
CA ASP A 120 8.27 -23.07 -1.24
C ASP A 120 8.40 -23.39 -2.71
N ASP A 121 7.92 -22.46 -3.55
CA ASP A 121 8.22 -22.54 -4.98
C ASP A 121 9.64 -21.98 -5.21
N PRO A 122 10.14 -22.04 -6.47
CA PRO A 122 11.54 -21.68 -6.72
C PRO A 122 11.87 -20.23 -6.45
N HIS A 123 10.85 -19.38 -6.37
CA HIS A 123 11.07 -17.95 -6.19
C HIS A 123 10.68 -17.45 -4.79
N GLY A 124 10.40 -18.40 -3.90
CA GLY A 124 10.16 -18.09 -2.49
C GLY A 124 8.72 -18.02 -2.02
N LEU A 125 7.74 -18.20 -2.91
CA LEU A 125 6.36 -18.16 -2.42
C LEU A 125 6.10 -19.36 -1.51
N HIS A 126 5.32 -19.14 -0.44
CA HIS A 126 4.96 -20.24 0.46
C HIS A 126 3.71 -20.95 -0.03
N LEU A 127 3.81 -22.28 -0.19
CA LEU A 127 2.71 -23.10 -0.68
C LEU A 127 2.42 -24.20 0.33
N GLU A 128 1.23 -24.78 0.24
CA GLU A 128 0.93 -25.97 1.03
C GLU A 128 -0.05 -26.83 0.28
N ILE A 129 -0.04 -28.12 0.60
CA ILE A 129 -0.99 -29.08 0.04
C ILE A 129 -1.76 -29.75 1.17
N VAL A 130 -3.07 -29.86 1.00
CA VAL A 130 -3.97 -30.51 1.94
C VAL A 130 -4.91 -31.42 1.17
N GLU A 131 -5.33 -32.51 1.81
CA GLU A 131 -6.26 -33.47 1.21
CA GLU A 131 -6.26 -33.46 1.19
C GLU A 131 -7.69 -33.16 1.61
N ARG A 132 -8.59 -33.06 0.63
CA ARG A 132 -10.03 -32.92 0.94
C ARG A 132 -10.87 -33.55 -0.16
N GLU A 133 -11.96 -34.21 0.22
CA GLU A 133 -12.88 -34.82 -0.75
C GLU A 133 -13.61 -33.76 -1.57
N GLU A 134 -13.97 -32.65 -0.92
CA GLU A 134 -14.70 -31.56 -1.59
C GLU A 134 -13.88 -30.99 -2.76
N GLY A 135 -14.57 -30.63 -3.84
CA GLY A 135 -13.93 -30.03 -5.03
C GLY A 135 -13.78 -31.05 -6.14
N GLU A 136 -14.12 -30.65 -7.36
CA GLU A 136 -14.07 -31.54 -8.52
C GLU A 136 -12.64 -31.90 -8.84
N ALA A 137 -12.43 -33.17 -9.20
CA ALA A 137 -11.15 -33.65 -9.73
C ALA A 137 -10.65 -32.78 -10.89
N ASN A 138 -9.33 -32.63 -10.91
CA ASN A 138 -8.62 -32.00 -12.03
C ASN A 138 -8.19 -33.11 -13.00
N THR A 139 -8.73 -33.07 -14.21
CA THR A 139 -8.48 -34.12 -15.19
C THR A 139 -7.32 -33.81 -16.14
N TRP A 140 -6.57 -32.73 -15.86
CA TRP A 140 -5.36 -32.44 -16.64
C TRP A 140 -4.27 -33.42 -16.26
N THR A 141 -3.96 -34.32 -17.18
CA THR A 141 -2.88 -35.28 -17.00
C THR A 141 -1.59 -34.71 -17.58
N PHE A 142 -0.54 -34.67 -16.76
CA PHE A 142 0.73 -34.09 -17.17
C PHE A 142 1.84 -34.80 -16.43
N GLY A 143 2.69 -35.49 -17.18
CA GLY A 143 3.70 -36.36 -16.58
C GLY A 143 3.02 -37.47 -15.80
N GLU A 144 3.47 -37.68 -14.56
CA GLU A 144 2.89 -38.70 -13.68
C GLU A 144 1.65 -38.20 -12.93
N VAL A 145 1.27 -36.95 -13.14
CA VAL A 145 0.13 -36.39 -12.40
C VAL A 145 -1.17 -36.79 -13.09
N THR A 146 -1.99 -37.57 -12.38
CA THR A 146 -3.21 -38.16 -12.90
C THR A 146 -4.41 -37.71 -12.03
N PRO A 147 -5.65 -37.88 -12.52
CA PRO A 147 -6.80 -37.27 -11.82
C PRO A 147 -6.98 -37.73 -10.37
N ASP A 148 -6.47 -38.91 -10.04
CA ASP A 148 -6.63 -39.46 -8.70
C ASP A 148 -5.75 -38.75 -7.68
N VAL A 149 -4.78 -37.99 -8.18
CA VAL A 149 -3.84 -37.24 -7.31
C VAL A 149 -3.72 -35.75 -7.65
N ALA A 150 -4.24 -35.32 -8.79
CA ALA A 150 -3.99 -33.95 -9.28
C ALA A 150 -4.56 -32.89 -8.34
N ILE A 151 -3.86 -31.75 -8.27
CA ILE A 151 -4.35 -30.59 -7.54
C ILE A 151 -5.67 -30.12 -8.14
N LYS A 152 -6.70 -30.09 -7.30
CA LYS A 152 -8.06 -29.74 -7.73
C LYS A 152 -8.32 -28.23 -7.81
N GLY A 153 -7.45 -27.46 -7.18
CA GLY A 153 -7.58 -26.00 -7.16
C GLY A 153 -6.99 -25.51 -5.85
N PHE A 154 -7.30 -24.27 -5.46
CA PHE A 154 -6.90 -23.81 -4.14
C PHE A 154 -7.75 -24.47 -3.08
N GLY A 155 -7.13 -24.86 -1.98
CA GLY A 155 -7.86 -25.16 -0.76
C GLY A 155 -8.29 -23.88 -0.06
N GLY A 156 -7.58 -22.79 -0.36
CA GLY A 156 -7.78 -21.51 0.31
C GLY A 156 -6.45 -20.79 0.40
N ALA A 157 -6.28 -20.00 1.45
CA ALA A 157 -5.09 -19.19 1.64
C ALA A 157 -4.99 -18.78 3.10
N THR A 158 -3.78 -18.38 3.48
CA THR A 158 -3.53 -17.84 4.81
C THR A 158 -3.11 -16.38 4.65
N LEU A 159 -3.87 -15.48 5.29
CA LEU A 159 -3.67 -14.04 5.19
C LEU A 159 -2.86 -13.51 6.35
N LEU A 160 -1.92 -12.62 6.03
CA LEU A 160 -1.13 -11.89 7.02
C LEU A 160 -1.59 -10.44 6.96
N SER A 161 -2.32 -10.03 7.99
CA SER A 161 -2.96 -8.72 8.03
C SER A 161 -2.26 -7.79 9.03
N GLU A 162 -2.11 -6.51 8.66
CA GLU A 162 -1.60 -5.53 9.62
C GLU A 162 -2.61 -5.27 10.74
N GLN A 163 -3.89 -5.53 10.46
CA GLN A 163 -4.98 -5.31 11.41
C GLN A 163 -5.98 -6.46 11.37
N PRO A 164 -5.63 -7.60 11.97
CA PRO A 164 -6.43 -8.81 11.82
C PRO A 164 -7.90 -8.68 12.27
N ASP A 165 -8.17 -7.84 13.28
CA ASP A 165 -9.56 -7.64 13.72
C ASP A 165 -10.41 -7.04 12.59
N LYS A 166 -9.83 -6.12 11.85
CA LYS A 166 -10.51 -5.46 10.74
C LYS A 166 -10.68 -6.40 9.55
N THR A 167 -9.65 -7.16 9.23
CA THR A 167 -9.75 -8.19 8.17
C THR A 167 -10.81 -9.24 8.49
N ALA A 168 -10.85 -9.68 9.75
CA ALA A 168 -11.86 -10.67 10.16
C ALA A 168 -13.28 -10.14 9.98
N ASP A 169 -13.47 -8.88 10.39
CA ASP A 169 -14.77 -8.22 10.32
C ASP A 169 -15.20 -8.15 8.84
N LEU A 170 -14.27 -7.77 7.97
CA LEU A 170 -14.51 -7.76 6.52
C LEU A 170 -14.91 -9.14 5.98
N LEU A 171 -14.11 -10.16 6.29
CA LEU A 171 -14.38 -11.50 5.78
C LEU A 171 -15.74 -12.02 6.24
N GLU A 172 -16.01 -11.90 7.54
CA GLU A 172 -17.23 -12.50 8.11
C GLU A 172 -18.47 -11.67 7.82
N ASN A 173 -18.38 -10.37 8.11
CA ASN A 173 -19.58 -9.54 8.22
C ASN A 173 -19.91 -8.75 6.97
N ILE A 174 -18.93 -8.55 6.09
CA ILE A 174 -19.16 -7.90 4.81
C ILE A 174 -19.14 -8.90 3.67
N MET A 175 -18.17 -9.82 3.70
CA MET A 175 -17.99 -10.73 2.58
C MET A 175 -18.73 -12.05 2.74
N GLY A 176 -19.35 -12.25 3.90
CA GLY A 176 -20.24 -13.39 4.10
C GLY A 176 -19.60 -14.75 4.33
N LEU A 177 -18.31 -14.79 4.64
CA LEU A 177 -17.68 -16.05 5.02
C LEU A 177 -18.13 -16.48 6.41
N GLU A 178 -18.24 -17.78 6.62
CA GLU A 178 -18.64 -18.32 7.92
C GLU A 178 -17.41 -18.54 8.80
N ARG A 179 -17.48 -18.07 10.03
CA ARG A 179 -16.44 -18.35 11.02
C ARG A 179 -16.48 -19.83 11.41
N VAL A 180 -15.35 -20.51 11.21
CA VAL A 180 -15.23 -21.91 11.60
C VAL A 180 -14.76 -22.05 13.05
N GLY A 181 -13.76 -21.27 13.43
CA GLY A 181 -13.24 -21.33 14.78
C GLY A 181 -11.82 -20.81 14.82
N LYS A 182 -11.25 -20.84 16.01
CA LYS A 182 -9.87 -20.42 16.24
C LYS A 182 -9.06 -21.62 16.74
N GLU A 183 -7.79 -21.66 16.38
CA GLU A 183 -6.84 -22.66 16.87
C GLU A 183 -5.44 -22.09 16.71
N GLY A 184 -4.57 -22.27 17.71
CA GLY A 184 -3.23 -21.73 17.64
C GLY A 184 -3.27 -20.24 17.37
N ASP A 185 -2.50 -19.80 16.37
CA ASP A 185 -2.48 -18.40 16.01
C ASP A 185 -3.39 -18.03 14.84
N PHE A 186 -4.48 -18.77 14.65
CA PHE A 186 -5.34 -18.58 13.48
C PHE A 186 -6.81 -18.46 13.80
N VAL A 187 -7.52 -17.65 13.02
CA VAL A 187 -8.96 -17.80 12.91
C VAL A 187 -9.26 -18.30 11.49
N ARG A 188 -10.19 -19.24 11.39
CA ARG A 188 -10.54 -19.87 10.11
C ARG A 188 -11.94 -19.46 9.67
N TYR A 189 -12.05 -19.16 8.39
CA TYR A 189 -13.27 -18.81 7.72
C TYR A 189 -13.53 -19.73 6.52
N ARG A 190 -14.79 -19.96 6.20
CA ARG A 190 -15.14 -20.81 5.07
C ARG A 190 -16.14 -20.06 4.18
N SER A 191 -15.88 -20.04 2.87
CA SER A 191 -16.84 -19.51 1.91
C SER A 191 -17.74 -20.64 1.44
N ALA A 192 -18.79 -20.30 0.69
CA ALA A 192 -19.83 -21.27 0.37
C ALA A 192 -19.52 -22.17 -0.82
N GLY A 193 -18.51 -21.80 -1.60
CA GLY A 193 -18.10 -22.60 -2.74
C GLY A 193 -17.42 -23.89 -2.32
N ASP A 194 -17.09 -24.73 -3.29
CA ASP A 194 -16.50 -26.04 -3.01
C ASP A 194 -14.99 -26.08 -3.24
N ILE A 195 -14.39 -24.92 -3.49
CA ILE A 195 -12.98 -24.80 -3.84
C ILE A 195 -12.56 -23.37 -3.48
N GLY A 196 -11.27 -23.18 -3.18
CA GLY A 196 -10.76 -21.85 -2.84
C GLY A 196 -11.52 -21.26 -1.66
N ASN A 197 -11.81 -22.11 -0.68
CA ASN A 197 -12.88 -21.79 0.27
C ASN A 197 -12.50 -21.75 1.74
N VAL A 198 -11.30 -22.20 2.08
CA VAL A 198 -10.89 -22.21 3.49
C VAL A 198 -9.83 -21.13 3.71
N ILE A 199 -10.25 -20.07 4.38
CA ILE A 199 -9.42 -18.88 4.55
C ILE A 199 -8.95 -18.72 6.00
N ASP A 200 -7.65 -18.88 6.22
CA ASP A 200 -7.06 -18.74 7.53
C ASP A 200 -6.46 -17.36 7.65
N LEU A 201 -6.66 -16.75 8.81
CA LEU A 201 -6.15 -15.42 9.09
C LEU A 201 -5.27 -15.53 10.34
N LYS A 202 -4.02 -15.12 10.20
CA LYS A 202 -3.09 -15.11 11.32
C LYS A 202 -3.47 -13.96 12.26
N LEU A 203 -3.49 -14.26 13.55
CA LEU A 203 -4.02 -13.31 14.51
C LEU A 203 -2.99 -12.38 15.11
N THR A 204 -1.72 -12.73 14.94
CA THR A 204 -0.65 -11.86 15.44
C THR A 204 0.20 -11.34 14.28
N PRO A 205 0.25 -10.00 14.10
CA PRO A 205 1.12 -9.37 13.10
C PRO A 205 2.59 -9.77 13.26
N ILE A 206 3.23 -10.09 12.13
CA ILE A 206 4.65 -10.49 12.11
C ILE A 206 5.57 -9.45 11.47
N GLY A 207 5.09 -8.21 11.33
CA GLY A 207 5.86 -7.16 10.69
C GLY A 207 5.52 -7.06 9.21
N ARG A 208 5.55 -5.84 8.70
CA ARG A 208 5.12 -5.53 7.33
C ARG A 208 5.99 -6.21 6.28
N GLY A 209 5.34 -6.66 5.20
CA GLY A 209 6.05 -7.22 4.07
C GLY A 209 6.60 -6.13 3.17
N GLN A 210 7.38 -6.53 2.18
CA GLN A 210 7.87 -5.62 1.15
C GLN A 210 7.44 -6.16 -0.21
N MET A 211 6.87 -5.29 -1.02
CA MET A 211 6.47 -5.62 -2.38
C MET A 211 7.68 -6.07 -3.21
N GLY A 212 7.44 -6.94 -4.17
CA GLY A 212 8.50 -7.47 -5.03
C GLY A 212 8.37 -8.94 -5.34
N ALA A 213 9.36 -9.48 -6.04
CA ALA A 213 9.33 -10.89 -6.44
C ALA A 213 9.34 -11.83 -5.24
N GLY A 214 8.68 -12.97 -5.38
CA GLY A 214 8.58 -13.89 -4.27
C GLY A 214 7.54 -13.48 -3.24
N THR A 215 6.60 -12.62 -3.63
CA THR A 215 5.48 -12.28 -2.77
C THR A 215 4.19 -12.34 -3.56
N VAL A 216 3.08 -12.60 -2.86
CA VAL A 216 1.76 -12.55 -3.48
C VAL A 216 1.35 -11.10 -3.59
N HIS A 217 0.93 -10.70 -4.79
CA HIS A 217 0.55 -9.30 -5.08
C HIS A 217 -0.86 -8.99 -4.59
N HIS A 218 -1.80 -9.90 -4.88
CA HIS A 218 -3.18 -9.73 -4.44
C HIS A 218 -3.97 -11.02 -4.50
N ILE A 219 -5.13 -11.01 -3.84
CA ILE A 219 -6.04 -12.13 -3.87
C ILE A 219 -7.39 -11.68 -4.42
N ALA A 220 -7.92 -12.45 -5.38
CA ALA A 220 -9.21 -12.13 -5.99
C ALA A 220 -10.29 -13.09 -5.52
N TRP A 221 -11.42 -12.50 -5.17
CA TRP A 221 -12.62 -13.22 -4.77
C TRP A 221 -13.63 -13.22 -5.91
N ARG A 222 -14.42 -14.29 -5.98
CA ARG A 222 -15.39 -14.49 -7.06
C ARG A 222 -16.65 -13.64 -6.96
N ALA A 223 -17.09 -13.15 -8.12
CA ALA A 223 -18.46 -12.67 -8.29
C ALA A 223 -19.07 -13.53 -9.38
N ASN A 224 -20.38 -13.78 -9.28
CA ASN A 224 -21.07 -14.65 -10.23
C ASN A 224 -21.06 -14.15 -11.67
N ASP A 225 -21.18 -12.83 -11.83
CA ASP A 225 -21.33 -12.20 -13.13
C ASP A 225 -21.10 -10.69 -13.00
N ASP A 226 -21.21 -9.97 -14.11
CA ASP A 226 -20.99 -8.52 -14.11
C ASP A 226 -21.91 -7.81 -13.14
N GLU A 227 -23.19 -8.15 -13.13
CA GLU A 227 -24.16 -7.51 -12.22
C GLU A 227 -23.76 -7.66 -10.75
N ASP A 228 -23.35 -8.84 -10.36
CA ASP A 228 -22.95 -9.13 -8.99
C ASP A 228 -21.71 -8.29 -8.65
N GLN A 229 -20.77 -8.22 -9.59
CA GLN A 229 -19.58 -7.39 -9.36
C GLN A 229 -19.92 -5.91 -9.18
N LEU A 230 -20.85 -5.39 -9.99
CA LEU A 230 -21.26 -3.99 -9.84
C LEU A 230 -21.89 -3.76 -8.48
N ASP A 231 -22.67 -4.73 -8.02
CA ASP A 231 -23.26 -4.65 -6.67
C ASP A 231 -22.15 -4.62 -5.63
N TRP A 232 -21.12 -5.46 -5.80
CA TRP A 232 -19.97 -5.46 -4.91
C TRP A 232 -19.30 -4.09 -4.91
N GLN A 233 -19.12 -3.49 -6.08
CA GLN A 233 -18.44 -2.18 -6.13
C GLN A 233 -19.18 -1.13 -5.31
N ARG A 234 -20.49 -1.08 -5.48
CA ARG A 234 -21.34 -0.14 -4.76
C ARG A 234 -21.29 -0.39 -3.25
N TYR A 235 -21.37 -1.66 -2.87
CA TYR A 235 -21.38 -2.02 -1.45
C TYR A 235 -20.03 -1.73 -0.77
N ILE A 236 -18.93 -2.21 -1.37
CA ILE A 236 -17.61 -2.01 -0.79
C ILE A 236 -17.30 -0.52 -0.62
N ALA A 237 -17.61 0.29 -1.64
CA ALA A 237 -17.31 1.73 -1.62
C ALA A 237 -18.09 2.49 -0.56
N SER A 238 -19.27 1.98 -0.24
CA SER A 238 -20.13 2.64 0.73
C SER A 238 -19.87 2.11 2.14
N HIS A 239 -19.06 1.06 2.24
CA HIS A 239 -18.76 0.46 3.54
C HIS A 239 -17.31 0.60 3.99
N GLY A 240 -16.68 1.68 3.55
CA GLY A 240 -15.45 2.13 4.18
C GLY A 240 -14.15 1.86 3.44
N TYR A 241 -14.25 1.48 2.16
CA TYR A 241 -13.07 1.20 1.34
C TYR A 241 -13.08 2.02 0.07
N GLY A 242 -11.88 2.34 -0.43
CA GLY A 242 -11.74 2.80 -1.81
C GLY A 242 -11.78 1.62 -2.77
N VAL A 243 -12.52 1.76 -3.88
CA VAL A 243 -12.64 0.69 -4.88
C VAL A 243 -12.42 1.27 -6.27
N THR A 244 -11.68 0.53 -7.11
CA THR A 244 -11.41 0.97 -8.46
C THR A 244 -12.65 0.87 -9.35
N PRO A 245 -12.61 1.57 -10.52
CA PRO A 245 -13.57 1.24 -11.56
C PRO A 245 -13.41 -0.21 -12.02
N VAL A 246 -14.44 -0.71 -12.69
CA VAL A 246 -14.35 -2.01 -13.34
C VAL A 246 -13.34 -1.93 -14.47
N ARG A 247 -12.41 -2.88 -14.49
CA ARG A 247 -11.42 -3.02 -15.54
C ARG A 247 -11.63 -4.33 -16.26
N ASP A 248 -11.74 -4.27 -17.59
CA ASP A 248 -11.88 -5.46 -18.43
C ASP A 248 -10.52 -6.15 -18.62
N ARG A 249 -10.36 -7.34 -18.01
CA ARG A 249 -9.11 -8.11 -18.13
C ARG A 249 -9.22 -9.24 -19.15
N ASN A 250 -10.24 -9.15 -20.01
CA ASN A 250 -10.46 -10.09 -21.11
C ASN A 250 -11.07 -11.41 -20.65
N TYR A 251 -10.46 -12.05 -19.66
CA TYR A 251 -10.93 -13.38 -19.21
C TYR A 251 -11.84 -13.26 -17.99
N PHE A 252 -11.99 -12.03 -17.52
CA PHE A 252 -12.87 -11.66 -16.40
C PHE A 252 -12.80 -10.13 -16.30
N ASN A 253 -13.79 -9.52 -15.64
CA ASN A 253 -13.73 -8.12 -15.24
C ASN A 253 -13.30 -8.07 -13.78
N ALA A 254 -12.58 -7.00 -13.43
CA ALA A 254 -11.95 -6.84 -12.11
C ALA A 254 -12.26 -5.50 -11.46
N ILE A 255 -12.47 -5.53 -10.14
CA ILE A 255 -12.37 -4.34 -9.29
C ILE A 255 -11.41 -4.66 -8.16
N TYR A 256 -10.73 -3.63 -7.68
CA TYR A 256 -9.70 -3.78 -6.63
C TYR A 256 -9.97 -2.85 -5.45
N PHE A 257 -9.66 -3.34 -4.25
CA PHE A 257 -9.69 -2.49 -3.06
C PHE A 257 -8.69 -2.99 -2.05
N ARG A 258 -7.93 -2.06 -1.47
CA ARG A 258 -7.02 -2.42 -0.39
C ARG A 258 -7.77 -2.45 0.91
N GLU A 259 -7.68 -3.56 1.63
CA GLU A 259 -8.45 -3.65 2.87
C GLU A 259 -7.63 -3.07 4.03
N HIS A 260 -8.24 -3.02 5.23
CA HIS A 260 -7.63 -2.24 6.32
C HIS A 260 -6.36 -2.87 6.88
N GLY A 261 -6.22 -4.19 6.72
CA GLY A 261 -4.97 -4.88 7.10
C GLY A 261 -3.89 -4.75 6.03
N GLU A 262 -4.17 -3.94 5.01
CA GLU A 262 -3.25 -3.61 3.91
C GLU A 262 -3.09 -4.67 2.81
N ILE A 263 -3.88 -5.74 2.86
CA ILE A 263 -3.88 -6.71 1.78
C ILE A 263 -4.68 -6.15 0.62
N LEU A 264 -4.16 -6.32 -0.60
CA LEU A 264 -4.90 -5.92 -1.79
C LEU A 264 -5.88 -7.02 -2.17
N PHE A 265 -7.18 -6.69 -2.17
CA PHE A 265 -8.23 -7.62 -2.56
C PHE A 265 -8.75 -7.25 -3.94
N GLU A 266 -9.36 -8.21 -4.60
CA GLU A 266 -9.96 -7.98 -5.90
C GLU A 266 -11.27 -8.75 -5.92
N ILE A 267 -12.27 -8.22 -6.63
CA ILE A 267 -13.44 -9.04 -6.99
C ILE A 267 -13.36 -9.22 -8.50
N ALA A 268 -13.36 -10.49 -8.94
CA ALA A 268 -13.27 -10.87 -10.34
C ALA A 268 -14.48 -11.71 -10.71
N THR A 269 -15.03 -11.44 -11.89
CA THR A 269 -16.17 -12.19 -12.36
C THR A 269 -15.79 -13.60 -12.80
N ASP A 270 -16.65 -14.57 -12.51
CA ASP A 270 -16.41 -15.93 -13.00
C ASP A 270 -16.31 -15.98 -14.54
N PRO A 271 -17.28 -15.38 -15.26
CA PRO A 271 -17.15 -15.35 -16.73
C PRO A 271 -16.25 -14.22 -17.26
N PRO A 272 -15.79 -14.34 -18.52
CA PRO A 272 -16.07 -15.42 -19.47
C PRO A 272 -15.12 -16.60 -19.39
N GLY A 273 -13.97 -16.42 -18.73
CA GLY A 273 -12.95 -17.44 -18.65
C GLY A 273 -11.98 -17.44 -19.82
N PHE A 274 -11.13 -18.47 -19.86
CA PHE A 274 -9.96 -18.45 -20.72
C PHE A 274 -10.13 -19.01 -22.12
N ALA A 275 -11.31 -19.57 -22.38
CA ALA A 275 -11.58 -20.26 -23.65
C ALA A 275 -12.32 -19.43 -24.70
N HIS A 276 -12.25 -18.11 -24.61
CA HIS A 276 -13.06 -17.29 -25.52
C HIS A 276 -12.22 -16.49 -26.53
N ASP A 277 -10.89 -16.57 -26.44
CA ASP A 277 -10.05 -16.13 -27.54
C ASP A 277 -9.13 -17.25 -28.05
N GLU A 278 -9.22 -18.40 -27.38
CA GLU A 278 -8.66 -19.66 -27.83
C GLU A 278 -9.68 -20.74 -27.49
N THR A 279 -9.63 -21.85 -28.20
CA THR A 279 -10.50 -22.99 -27.86
C THR A 279 -10.07 -23.58 -26.51
N GLN A 280 -11.01 -24.26 -25.85
CA GLN A 280 -10.73 -24.92 -24.58
C GLN A 280 -9.57 -25.92 -24.73
N GLU A 281 -9.52 -26.60 -25.87
CA GLU A 281 -8.49 -27.60 -26.12
C GLU A 281 -7.09 -27.04 -26.37
N THR A 282 -7.01 -25.76 -26.77
CA THR A 282 -5.73 -25.14 -27.11
C THR A 282 -5.35 -23.95 -26.22
N MET A 283 -6.22 -23.55 -25.31
CA MET A 283 -5.92 -22.34 -24.55
C MET A 283 -4.59 -22.50 -23.82
N GLY A 284 -3.80 -21.41 -23.84
CA GLY A 284 -2.47 -21.40 -23.25
C GLY A 284 -1.35 -21.57 -24.25
N GLU A 285 -1.69 -21.88 -25.50
CA GLU A 285 -0.67 -22.25 -26.49
C GLU A 285 -0.07 -21.07 -27.25
N LYS A 286 -0.85 -20.00 -27.39
CA LYS A 286 -0.40 -18.83 -28.13
C LYS A 286 -0.35 -17.59 -27.24
N LEU A 287 0.55 -16.66 -27.58
CA LEU A 287 0.57 -15.38 -26.88
C LEU A 287 -0.64 -14.54 -27.27
N MET A 288 -1.56 -14.38 -26.33
CA MET A 288 -2.74 -13.56 -26.56
C MET A 288 -2.46 -12.15 -26.06
N LEU A 289 -2.94 -11.15 -26.79
CA LEU A 289 -2.69 -9.74 -26.41
C LEU A 289 -3.96 -8.95 -26.19
N PRO A 290 -3.97 -8.07 -25.16
CA PRO A 290 -5.03 -7.06 -25.10
C PRO A 290 -5.03 -6.35 -26.46
N VAL A 291 -6.20 -6.22 -27.08
CA VAL A 291 -6.34 -5.73 -28.47
C VAL A 291 -5.62 -4.40 -28.69
N GLN A 292 -5.58 -3.57 -27.66
CA GLN A 292 -4.85 -2.30 -27.68
C GLN A 292 -3.37 -2.46 -28.03
N TYR A 293 -2.81 -3.64 -27.76
CA TYR A 293 -1.39 -3.90 -28.06
C TYR A 293 -1.12 -4.67 -29.35
N GLU A 294 -2.18 -5.13 -30.00
CA GLU A 294 -2.06 -5.87 -31.26
C GLU A 294 -1.25 -5.10 -32.35
N PRO A 295 -1.35 -3.74 -32.39
CA PRO A 295 -0.48 -2.98 -33.28
C PRO A 295 1.00 -2.90 -32.84
N HIS A 296 1.33 -3.45 -31.67
CA HIS A 296 2.72 -3.50 -31.25
C HIS A 296 3.22 -4.94 -31.05
N ARG A 297 2.54 -5.92 -31.66
CA ARG A 297 2.86 -7.33 -31.43
C ARG A 297 4.36 -7.59 -31.66
N THR A 298 4.94 -6.97 -32.69
CA THR A 298 6.38 -7.15 -33.00
C THR A 298 7.30 -6.62 -31.89
N GLN A 299 7.07 -5.40 -31.44
CA GLN A 299 7.76 -4.81 -30.29
C GLN A 299 7.66 -5.70 -29.07
N ILE A 300 6.45 -6.23 -28.85
CA ILE A 300 6.12 -6.99 -27.67
C ILE A 300 6.81 -8.37 -27.66
N GLU A 301 6.61 -9.12 -28.74
CA GLU A 301 7.24 -10.44 -28.86
C GLU A 301 8.77 -10.38 -28.85
N GLN A 302 9.36 -9.38 -29.53
CA GLN A 302 10.83 -9.21 -29.56
CA GLN A 302 10.82 -9.26 -29.57
C GLN A 302 11.43 -9.13 -28.16
N GLY A 303 10.64 -8.64 -27.22
CA GLY A 303 11.11 -8.41 -25.86
C GLY A 303 10.85 -9.54 -24.88
N LEU A 304 9.99 -10.50 -25.23
CA LEU A 304 9.61 -11.55 -24.27
C LEU A 304 10.56 -12.75 -24.35
N LEU A 305 10.89 -13.30 -23.18
CA LEU A 305 11.79 -14.45 -23.12
C LEU A 305 11.07 -15.71 -23.59
N PRO A 306 11.71 -16.51 -24.45
CA PRO A 306 11.04 -17.73 -24.85
C PRO A 306 11.01 -18.73 -23.69
N PHE A 307 9.98 -19.56 -23.68
CA PHE A 307 9.87 -20.63 -22.70
C PHE A 307 8.92 -21.69 -23.23
N GLU A 308 9.04 -22.90 -22.72
CA GLU A 308 8.11 -23.95 -23.11
C GLU A 308 7.55 -24.71 -21.92
N VAL A 309 6.30 -25.12 -22.06
CA VAL A 309 5.68 -26.00 -21.08
C VAL A 309 6.23 -27.38 -21.40
N ARG A 310 6.94 -27.96 -20.44
CA ARG A 310 7.60 -29.25 -20.68
C ARG A 310 7.48 -30.19 -19.50
N GLU A 311 7.37 -31.48 -19.81
CA GLU A 311 7.41 -32.50 -18.79
C GLU A 311 8.85 -32.67 -18.31
N LEU A 312 9.00 -32.79 -17.00
CA LEU A 312 10.29 -33.04 -16.39
C LEU A 312 10.35 -34.53 -16.08
N ALA B 3 23.55 7.91 -5.03
CA ALA B 3 22.98 8.55 -3.81
C ALA B 3 22.13 7.58 -3.01
N LYS B 4 21.95 7.87 -1.72
CA LYS B 4 20.89 7.25 -0.95
C LYS B 4 19.55 7.74 -1.52
N LYS B 5 18.46 7.05 -1.21
CA LYS B 5 17.16 7.43 -1.78
C LYS B 5 16.06 7.41 -0.73
N THR B 6 15.44 8.56 -0.49
CA THR B 6 14.29 8.59 0.41
C THR B 6 13.00 8.27 -0.35
N MET B 7 12.09 7.54 0.29
CA MET B 7 10.79 7.28 -0.35
C MET B 7 9.99 8.56 -0.56
N GLY B 8 10.23 9.55 0.29
CA GLY B 8 9.51 10.82 0.20
C GLY B 8 9.29 11.42 1.56
N ILE B 9 8.36 12.36 1.63
CA ILE B 9 8.06 13.02 2.90
C ILE B 9 7.55 12.03 3.93
N HIS B 10 8.08 12.14 5.14
CA HIS B 10 7.57 11.45 6.32
C HIS B 10 6.47 12.28 6.95
N HIS B 11 6.83 13.51 7.35
CA HIS B 11 5.88 14.46 7.93
C HIS B 11 6.39 15.90 7.70
N ILE B 12 5.49 16.86 7.90
CA ILE B 12 5.81 18.27 7.88
C ILE B 12 5.31 18.86 9.19
N THR B 13 6.10 19.79 9.75
CA THR B 13 5.79 20.37 11.05
C THR B 13 5.68 21.87 10.97
N ALA B 14 4.60 22.41 11.53
CA ALA B 14 4.40 23.85 11.48
C ALA B 14 4.04 24.44 12.84
N ILE B 15 4.34 25.71 13.02
CA ILE B 15 3.88 26.48 14.17
C ILE B 15 2.59 27.18 13.77
N VAL B 16 1.57 27.03 14.61
CA VAL B 16 0.26 27.62 14.33
C VAL B 16 -0.35 28.26 15.57
N GLY B 17 -1.61 28.66 15.45
CA GLY B 17 -2.36 29.28 16.54
C GLY B 17 -3.09 28.31 17.45
N HIS B 18 -4.24 28.74 17.94
CA HIS B 18 -5.02 27.99 18.92
C HIS B 18 -5.30 26.55 18.46
N PRO B 19 -5.14 25.56 19.37
CA PRO B 19 -5.35 24.15 18.99
C PRO B 19 -6.77 23.82 18.55
N GLN B 20 -7.79 24.50 19.10
CA GLN B 20 -9.15 24.26 18.64
C GLN B 20 -9.35 24.73 17.20
N GLU B 21 -8.76 25.87 16.86
CA GLU B 21 -8.86 26.42 15.50
C GLU B 21 -8.12 25.51 14.52
N ASN B 22 -6.92 25.10 14.90
CA ASN B 22 -6.13 24.15 14.14
C ASN B 22 -6.92 22.85 13.90
N THR B 23 -7.49 22.27 14.95
CA THR B 23 -8.19 21.00 14.85
C THR B 23 -9.47 21.10 14.02
N ASP B 24 -10.23 22.19 14.21
CA ASP B 24 -11.45 22.37 13.41
C ASP B 24 -11.12 22.41 11.92
N PHE B 25 -9.96 22.95 11.56
CA PHE B 25 -9.59 22.97 10.15
C PHE B 25 -9.11 21.61 9.65
N TYR B 26 -8.07 21.06 10.28
CA TYR B 26 -7.48 19.81 9.80
C TYR B 26 -8.33 18.57 9.98
N ALA B 27 -9.05 18.44 11.10
CA ALA B 27 -10.04 17.35 11.24
C ALA B 27 -11.41 17.73 10.68
N GLY B 28 -11.93 18.89 11.05
CA GLY B 28 -13.28 19.28 10.66
C GLY B 28 -13.46 19.56 9.18
N VAL B 29 -12.57 20.36 8.60
CA VAL B 29 -12.69 20.69 7.17
C VAL B 29 -11.99 19.64 6.28
N LEU B 30 -10.74 19.30 6.60
CA LEU B 30 -9.98 18.42 5.72
C LEU B 30 -10.21 16.95 6.03
N GLY B 31 -10.81 16.65 7.18
CA GLY B 31 -11.18 15.27 7.50
C GLY B 31 -10.03 14.37 7.94
N LEU B 32 -8.87 14.96 8.23
CA LEU B 32 -7.72 14.18 8.68
C LEU B 32 -7.96 13.66 10.09
N ARG B 33 -7.36 12.53 10.41
CA ARG B 33 -7.47 11.96 11.73
C ARG B 33 -6.39 12.57 12.61
N LEU B 34 -6.79 12.99 13.83
CA LEU B 34 -5.84 13.31 14.87
C LEU B 34 -5.31 11.99 15.43
N VAL B 35 -4.10 11.62 15.01
CA VAL B 35 -3.53 10.32 15.37
C VAL B 35 -2.69 10.35 16.64
N LYS B 36 -2.33 11.55 17.09
CA LYS B 36 -1.55 11.68 18.33
C LYS B 36 -1.67 13.08 18.92
N GLN B 37 -2.08 13.10 20.19
CA GLN B 37 -1.98 14.31 21.01
C GLN B 37 -0.85 14.09 22.00
N THR B 38 0.20 14.89 21.89
CA THR B 38 1.32 14.82 22.82
C THR B 38 1.84 16.24 23.09
N VAL B 39 3.06 16.37 23.61
CA VAL B 39 3.66 17.67 23.82
C VAL B 39 4.93 17.79 23.01
N ASN B 40 5.39 19.03 22.81
CA ASN B 40 6.70 19.27 22.23
C ASN B 40 7.75 18.72 23.19
N PHE B 41 8.56 17.79 22.69
CA PHE B 41 9.55 17.12 23.52
C PHE B 41 10.61 18.10 24.07
N ASP B 42 10.75 19.26 23.41
CA ASP B 42 11.65 20.32 23.88
C ASP B 42 10.94 21.31 24.81
N ASP B 43 9.71 21.69 24.47
CA ASP B 43 8.90 22.60 25.29
C ASP B 43 7.64 21.87 25.75
N PRO B 44 7.74 21.12 26.87
CA PRO B 44 6.68 20.18 27.26
C PRO B 44 5.39 20.84 27.75
N GLY B 45 5.41 22.16 27.88
CA GLY B 45 4.20 22.93 28.20
C GLY B 45 3.40 23.32 26.97
N THR B 46 3.84 22.86 25.81
CA THR B 46 3.21 23.17 24.53
C THR B 46 2.76 21.87 23.85
N TYR B 47 1.56 21.87 23.25
CA TYR B 47 1.09 20.71 22.47
C TYR B 47 1.99 20.39 21.30
N HIS B 48 2.01 19.12 20.94
CA HIS B 48 2.42 18.67 19.62
C HIS B 48 1.32 17.76 19.09
N LEU B 49 0.62 18.21 18.06
CA LEU B 49 -0.51 17.45 17.48
C LEU B 49 -0.10 16.84 16.15
N TYR B 50 -0.48 15.58 15.94
CA TYR B 50 -0.17 14.89 14.68
C TYR B 50 -1.48 14.48 14.02
N PHE B 51 -1.67 14.90 12.77
CA PHE B 51 -2.82 14.51 11.96
C PHE B 51 -2.32 13.68 10.78
N GLY B 52 -3.17 12.78 10.28
CA GLY B 52 -2.81 12.01 9.07
C GLY B 52 -3.98 11.21 8.55
N ASN B 53 -3.68 10.17 7.76
CA ASN B 53 -4.72 9.26 7.28
C ASN B 53 -5.17 8.33 8.42
N GLU B 54 -6.00 7.32 8.11
CA GLU B 54 -6.56 6.44 9.15
C GLU B 54 -5.45 5.85 10.04
N GLY B 55 -4.28 5.60 9.44
CA GLY B 55 -3.19 4.96 10.16
C GLY B 55 -2.05 5.87 10.56
N GLY B 56 -2.17 7.17 10.28
CA GLY B 56 -1.09 8.12 10.52
C GLY B 56 0.16 7.65 9.81
N LYS B 57 0.00 7.16 8.58
CA LYS B 57 1.11 6.55 7.84
C LYS B 57 2.12 7.58 7.35
N PRO B 58 3.40 7.19 7.29
CA PRO B 58 4.41 8.14 6.78
C PRO B 58 4.01 8.65 5.42
N GLY B 59 4.16 9.95 5.21
CA GLY B 59 3.75 10.56 3.95
C GLY B 59 2.39 11.21 4.02
N THR B 60 1.71 11.07 5.16
CA THR B 60 0.37 11.64 5.35
C THR B 60 0.31 12.56 6.55
N ILE B 61 1.43 12.66 7.28
CA ILE B 61 1.46 13.24 8.64
C ILE B 61 1.81 14.72 8.63
N ILE B 62 0.82 15.53 9.04
CA ILE B 62 1.04 16.96 9.25
C ILE B 62 0.98 17.20 10.75
N THR B 63 1.97 17.93 11.26
CA THR B 63 2.13 18.08 12.71
C THR B 63 2.24 19.55 13.09
N PHE B 64 1.78 19.88 14.31
CA PHE B 64 1.61 21.27 14.70
C PHE B 64 2.09 21.55 16.11
N PHE B 65 2.75 22.69 16.27
CA PHE B 65 2.96 23.30 17.57
C PHE B 65 1.96 24.46 17.68
N PRO B 66 0.79 24.21 18.29
CA PRO B 66 -0.22 25.27 18.34
C PRO B 66 -0.05 26.17 19.56
N TRP B 67 0.40 27.40 19.33
CA TRP B 67 0.54 28.39 20.39
C TRP B 67 -0.52 29.47 20.23
N ALA B 68 -1.51 29.46 21.11
CA ALA B 68 -2.67 30.35 21.05
C ALA B 68 -2.35 31.81 20.72
N GLY B 69 -1.34 32.36 21.39
CA GLY B 69 -0.90 33.74 21.13
C GLY B 69 -0.30 33.84 19.75
N ALA B 70 -0.79 34.83 18.98
CA ALA B 70 -0.37 35.01 17.58
C ALA B 70 1.05 35.57 17.43
N ARG B 71 2.05 34.72 17.67
CA ARG B 71 3.45 35.11 17.48
C ARG B 71 3.83 34.89 16.01
N GLN B 72 3.33 35.76 15.14
CA GLN B 72 3.33 35.54 13.69
C GLN B 72 4.68 35.60 12.97
N GLY B 73 4.96 34.59 12.16
CA GLY B 73 6.09 34.59 11.26
C GLY B 73 5.69 35.11 9.89
N VAL B 74 6.66 35.11 8.97
CA VAL B 74 6.42 35.54 7.60
C VAL B 74 6.91 34.43 6.68
N ILE B 75 6.04 33.95 5.78
CA ILE B 75 6.41 32.93 4.80
C ILE B 75 7.40 33.50 3.78
N GLY B 76 8.50 32.79 3.58
CA GLY B 76 9.49 33.19 2.59
C GLY B 76 10.65 32.22 2.52
N ASP B 77 11.72 32.66 1.87
CA ASP B 77 12.89 31.81 1.63
C ASP B 77 13.44 31.23 2.92
N GLY B 78 13.92 29.99 2.82
CA GLY B 78 14.38 29.22 3.96
C GLY B 78 13.26 28.40 4.60
N GLN B 79 12.15 28.24 3.89
CA GLN B 79 10.99 27.47 4.39
C GLN B 79 10.32 26.65 3.30
N VAL B 80 9.58 25.60 3.72
CA VAL B 80 8.53 25.04 2.87
C VAL B 80 7.49 26.14 2.65
N GLY B 81 7.23 26.48 1.39
CA GLY B 81 6.24 27.53 1.07
C GLY B 81 4.80 27.02 0.97
N VAL B 82 4.63 25.86 0.37
CA VAL B 82 3.29 25.30 0.16
C VAL B 82 3.33 23.82 0.48
N THR B 83 2.31 23.37 1.20
CA THR B 83 2.13 21.95 1.50
C THR B 83 1.01 21.42 0.62
N SER B 84 1.30 20.35 -0.12
CA SER B 84 0.43 19.79 -1.15
C SER B 84 -0.25 18.52 -0.63
N TYR B 85 -1.57 18.42 -0.79
CA TYR B 85 -2.35 17.27 -0.39
C TYR B 85 -2.96 16.65 -1.63
N VAL B 86 -2.87 15.33 -1.70
CA VAL B 86 -3.37 14.60 -2.87
C VAL B 86 -4.71 13.94 -2.56
N VAL B 87 -5.63 14.07 -3.51
CA VAL B 87 -6.96 13.46 -3.44
C VAL B 87 -7.19 12.53 -4.64
N PRO B 88 -8.22 11.65 -4.57
CA PRO B 88 -8.43 10.79 -5.72
C PRO B 88 -8.84 11.51 -7.00
N LYS B 89 -8.64 10.85 -8.14
CA LYS B 89 -9.10 11.41 -9.41
C LYS B 89 -10.60 11.67 -9.33
N GLY B 90 -11.01 12.84 -9.80
CA GLY B 90 -12.42 13.22 -9.80
C GLY B 90 -12.91 13.90 -8.53
N ALA B 91 -12.04 14.03 -7.52
CA ALA B 91 -12.49 14.58 -6.22
C ALA B 91 -12.43 16.10 -6.09
N MET B 92 -11.89 16.77 -7.11
CA MET B 92 -11.63 18.20 -6.95
CA MET B 92 -11.63 18.21 -6.96
C MET B 92 -12.89 18.99 -6.60
N ALA B 93 -14.00 18.71 -7.28
CA ALA B 93 -15.23 19.46 -7.02
C ALA B 93 -15.79 19.23 -5.63
N PHE B 94 -15.57 18.04 -5.07
CA PHE B 94 -15.96 17.80 -3.69
C PHE B 94 -15.28 18.82 -2.80
N TRP B 95 -13.98 18.99 -3.00
CA TRP B 95 -13.18 19.88 -2.16
C TRP B 95 -13.49 21.35 -2.39
N GLU B 96 -13.70 21.75 -3.64
CA GLU B 96 -14.04 23.14 -3.96
C GLU B 96 -15.36 23.52 -3.31
N LYS B 97 -16.37 22.66 -3.48
CA LYS B 97 -17.68 22.94 -2.89
C LYS B 97 -17.61 22.90 -1.37
N ARG B 98 -16.80 22.01 -0.81
CA ARG B 98 -16.65 21.94 0.65
C ARG B 98 -15.98 23.21 1.22
N LEU B 99 -14.88 23.64 0.61
CA LEU B 99 -14.21 24.88 1.02
C LEU B 99 -15.15 26.07 0.92
N GLU B 100 -15.96 26.12 -0.14
CA GLU B 100 -16.98 27.18 -0.27
C GLU B 100 -17.97 27.14 0.90
N LYS B 101 -18.43 25.95 1.24
CA LYS B 101 -19.40 25.76 2.33
C LYS B 101 -18.85 26.26 3.68
N PHE B 102 -17.56 26.05 3.90
CA PHE B 102 -16.89 26.46 5.13
C PHE B 102 -16.19 27.83 5.04
N ASN B 103 -16.53 28.60 3.99
CA ASN B 103 -16.03 29.97 3.84
C ASN B 103 -14.51 30.07 3.79
N VAL B 104 -13.89 29.12 3.10
CA VAL B 104 -12.45 29.11 2.90
C VAL B 104 -12.21 29.47 1.44
N PRO B 105 -11.73 30.72 1.17
CA PRO B 105 -11.49 31.12 -0.21
C PRO B 105 -10.44 30.24 -0.85
N TYR B 106 -10.60 29.97 -2.15
CA TYR B 106 -9.59 29.22 -2.88
C TYR B 106 -9.41 29.80 -4.27
N THR B 107 -8.25 29.52 -4.85
CA THR B 107 -7.97 29.87 -6.23
C THR B 107 -7.54 28.61 -6.95
N LYS B 108 -7.55 28.66 -8.28
CA LYS B 108 -7.12 27.54 -9.11
C LYS B 108 -5.91 27.95 -9.92
N ILE B 109 -4.89 27.09 -9.91
CA ILE B 109 -3.68 27.32 -10.67
C ILE B 109 -3.28 26.02 -11.37
N GLU B 110 -2.50 26.15 -12.44
CA GLU B 110 -2.03 24.98 -13.16
C GLU B 110 -0.51 25.02 -13.20
N ARG B 111 0.11 23.88 -12.95
CA ARG B 111 1.52 23.69 -13.30
C ARG B 111 1.81 22.22 -13.62
N PHE B 112 2.78 21.99 -14.50
CA PHE B 112 3.13 20.65 -14.96
C PHE B 112 1.93 19.79 -15.41
N GLY B 113 0.95 20.43 -16.04
CA GLY B 113 -0.22 19.74 -16.58
C GLY B 113 -1.25 19.33 -15.54
N GLU B 114 -1.05 19.76 -14.29
CA GLU B 114 -1.97 19.42 -13.20
C GLU B 114 -2.66 20.64 -12.67
N GLN B 115 -3.92 20.43 -12.26
CA GLN B 115 -4.71 21.51 -11.70
CA GLN B 115 -4.75 21.49 -11.70
C GLN B 115 -4.67 21.46 -10.17
N TYR B 116 -4.47 22.63 -9.57
CA TYR B 116 -4.37 22.77 -8.11
C TYR B 116 -5.42 23.71 -7.58
N VAL B 117 -5.97 23.37 -6.42
CA VAL B 117 -6.78 24.28 -5.63
C VAL B 117 -5.86 24.84 -4.53
N GLU B 118 -5.70 26.16 -4.50
CA GLU B 118 -4.82 26.84 -3.53
C GLU B 118 -5.67 27.50 -2.47
N PHE B 119 -5.28 27.34 -1.20
CA PHE B 119 -5.99 27.98 -0.10
C PHE B 119 -5.11 28.06 1.13
N ASP B 120 -5.52 28.85 2.11
CA ASP B 120 -4.79 28.95 3.37
C ASP B 120 -5.54 28.27 4.49
N ASP B 121 -4.77 27.82 5.49
CA ASP B 121 -5.39 27.37 6.74
C ASP B 121 -5.69 28.61 7.61
N PRO B 122 -6.34 28.44 8.78
CA PRO B 122 -6.79 29.60 9.56
C PRO B 122 -5.64 30.47 10.06
N HIS B 123 -4.42 29.92 10.07
CA HIS B 123 -3.27 30.62 10.62
C HIS B 123 -2.26 31.05 9.56
N GLY B 124 -2.65 30.91 8.29
CA GLY B 124 -1.88 31.52 7.21
C GLY B 124 -0.96 30.56 6.44
N LEU B 125 -0.90 29.30 6.85
CA LEU B 125 -0.11 28.33 6.08
C LEU B 125 -0.71 28.16 4.66
N HIS B 126 0.16 28.08 3.64
CA HIS B 126 -0.32 27.87 2.28
C HIS B 126 -0.49 26.38 1.99
N LEU B 127 -1.69 26.00 1.57
CA LEU B 127 -2.01 24.61 1.25
C LEU B 127 -2.48 24.51 -0.20
N GLU B 128 -2.43 23.30 -0.76
CA GLU B 128 -3.04 23.05 -2.06
C GLU B 128 -3.53 21.61 -2.15
N ILE B 129 -4.51 21.37 -3.01
CA ILE B 129 -5.02 20.04 -3.31
C ILE B 129 -4.88 19.72 -4.80
N VAL B 130 -4.43 18.52 -5.09
CA VAL B 130 -4.29 18.03 -6.46
C VAL B 130 -4.85 16.62 -6.53
N GLU B 131 -5.37 16.22 -7.70
CA GLU B 131 -5.90 14.88 -7.94
CA GLU B 131 -5.89 14.88 -7.92
C GLU B 131 -4.86 13.95 -8.56
N ARG B 132 -4.63 12.78 -7.93
CA ARG B 132 -3.75 11.77 -8.53
C ARG B 132 -4.24 10.38 -8.19
N GLU B 133 -4.12 9.45 -9.13
CA GLU B 133 -4.52 8.06 -8.89
C GLU B 133 -3.55 7.38 -7.91
N GLU B 134 -2.26 7.70 -8.05
CA GLU B 134 -1.21 7.12 -7.17
C GLU B 134 -1.49 7.44 -5.70
N GLY B 135 -1.23 6.46 -4.83
CA GLY B 135 -1.36 6.64 -3.39
C GLY B 135 -2.61 5.93 -2.87
N GLU B 136 -2.47 5.20 -1.78
CA GLU B 136 -3.60 4.44 -1.24
C GLU B 136 -4.68 5.38 -0.69
N ALA B 137 -5.93 4.99 -0.91
CA ALA B 137 -7.08 5.68 -0.34
C ALA B 137 -6.96 5.84 1.17
N ASN B 138 -7.46 6.97 1.64
CA ASN B 138 -7.61 7.21 3.07
C ASN B 138 -9.02 6.76 3.48
N THR B 139 -9.08 5.78 4.36
CA THR B 139 -10.36 5.20 4.77
C THR B 139 -10.95 5.82 6.06
N TRP B 140 -10.32 6.90 6.54
CA TRP B 140 -10.89 7.62 7.68
C TRP B 140 -12.09 8.42 7.22
N THR B 141 -13.27 7.98 7.63
CA THR B 141 -14.50 8.68 7.30
C THR B 141 -14.80 9.68 8.43
N PHE B 142 -15.02 10.94 8.08
CA PHE B 142 -15.27 12.00 9.06
C PHE B 142 -16.14 13.07 8.42
N GLY B 143 -17.26 13.39 9.05
CA GLY B 143 -18.26 14.25 8.42
C GLY B 143 -18.68 13.66 7.08
N GLU B 144 -18.70 14.49 6.05
CA GLU B 144 -19.03 14.06 4.68
C GLU B 144 -17.82 13.50 3.91
N VAL B 145 -16.67 13.40 4.55
CA VAL B 145 -15.45 12.96 3.86
C VAL B 145 -15.40 11.42 3.83
N THR B 146 -15.42 10.87 2.62
CA THR B 146 -15.49 9.43 2.38
C THR B 146 -14.29 8.98 1.54
N PRO B 147 -14.00 7.66 1.50
CA PRO B 147 -12.73 7.24 0.88
C PRO B 147 -12.56 7.60 -0.59
N ASP B 148 -13.66 7.81 -1.29
CA ASP B 148 -13.64 8.19 -2.71
C ASP B 148 -13.17 9.62 -2.93
N VAL B 149 -13.18 10.44 -1.87
CA VAL B 149 -12.74 11.84 -1.97
C VAL B 149 -11.65 12.22 -0.95
N ALA B 150 -11.43 11.39 0.06
CA ALA B 150 -10.53 11.75 1.17
C ALA B 150 -9.10 12.05 0.74
N ILE B 151 -8.50 13.02 1.43
CA ILE B 151 -7.07 13.33 1.28
C ILE B 151 -6.26 12.06 1.60
N LYS B 152 -5.46 11.63 0.62
CA LYS B 152 -4.68 10.38 0.72
C LYS B 152 -3.35 10.57 1.43
N GLY B 153 -2.89 11.81 1.51
CA GLY B 153 -1.62 12.13 2.15
C GLY B 153 -1.09 13.37 1.47
N PHE B 154 0.19 13.67 1.72
CA PHE B 154 0.82 14.72 0.93
C PHE B 154 0.98 14.28 -0.52
N GLY B 155 0.74 15.22 -1.43
CA GLY B 155 1.18 15.07 -2.81
C GLY B 155 2.65 15.45 -2.91
N GLY B 156 3.15 16.22 -1.94
CA GLY B 156 4.49 16.78 -1.99
C GLY B 156 4.51 18.13 -1.29
N ALA B 157 5.41 19.02 -1.74
CA ALA B 157 5.59 20.33 -1.12
C ALA B 157 6.33 21.20 -2.10
N THR B 158 6.19 22.51 -1.94
CA THR B 158 6.95 23.51 -2.68
C THR B 158 7.92 24.19 -1.72
N LEU B 159 9.22 24.12 -2.04
CA LEU B 159 10.30 24.70 -1.25
C LEU B 159 10.71 26.08 -1.73
N LEU B 160 10.96 26.94 -0.73
CA LEU B 160 11.46 28.29 -0.96
C LEU B 160 12.86 28.29 -0.38
N SER B 161 13.86 28.27 -1.25
CA SER B 161 15.24 28.16 -0.82
C SER B 161 15.98 29.50 -1.01
N GLU B 162 16.90 29.82 -0.09
CA GLU B 162 17.79 30.99 -0.25
C GLU B 162 18.84 30.76 -1.33
N GLN B 163 19.07 29.48 -1.65
CA GLN B 163 20.05 29.07 -2.64
C GLN B 163 19.52 27.87 -3.42
N PRO B 164 18.58 28.11 -4.36
CA PRO B 164 17.91 27.01 -5.04
C PRO B 164 18.86 26.04 -5.75
N ASP B 165 20.00 26.52 -6.26
CA ASP B 165 20.97 25.62 -6.92
C ASP B 165 21.50 24.57 -5.94
N LYS B 166 21.72 24.98 -4.69
CA LYS B 166 22.24 24.10 -3.65
C LYS B 166 21.16 23.12 -3.20
N THR B 167 19.94 23.63 -3.04
CA THR B 167 18.84 22.77 -2.63
C THR B 167 18.54 21.74 -3.70
N ALA B 168 18.62 22.15 -4.97
CA ALA B 168 18.40 21.22 -6.07
C ALA B 168 19.44 20.10 -6.08
N ASP B 169 20.70 20.48 -5.84
CA ASP B 169 21.80 19.53 -5.75
C ASP B 169 21.55 18.53 -4.62
N LEU B 170 21.16 19.04 -3.46
CA LEU B 170 20.81 18.19 -2.33
C LEU B 170 19.70 17.21 -2.68
N LEU B 171 18.63 17.70 -3.32
CA LEU B 171 17.48 16.85 -3.59
C LEU B 171 17.82 15.72 -4.54
N GLU B 172 18.54 16.05 -5.60
CA GLU B 172 18.87 15.05 -6.62
C GLU B 172 20.03 14.16 -6.18
N ASN B 173 21.08 14.75 -5.61
CA ASN B 173 22.37 14.06 -5.43
C ASN B 173 22.72 13.56 -4.02
N ILE B 174 21.93 13.94 -3.03
CA ILE B 174 22.11 13.38 -1.70
C ILE B 174 20.86 12.60 -1.32
N MET B 175 19.69 13.17 -1.60
CA MET B 175 18.42 12.51 -1.26
C MET B 175 17.92 11.56 -2.33
N GLY B 176 18.52 11.62 -3.51
CA GLY B 176 18.20 10.67 -4.57
C GLY B 176 16.86 10.82 -5.27
N LEU B 177 16.30 12.03 -5.25
CA LEU B 177 15.10 12.28 -6.05
C LEU B 177 15.45 12.43 -7.52
N GLU B 178 14.50 12.06 -8.37
CA GLU B 178 14.67 12.21 -9.80
C GLU B 178 14.18 13.57 -10.28
N ARG B 179 14.97 14.23 -11.12
CA ARG B 179 14.58 15.48 -11.72
C ARG B 179 13.52 15.22 -12.80
N VAL B 180 12.35 15.83 -12.65
CA VAL B 180 11.27 15.65 -13.63
C VAL B 180 11.43 16.67 -14.77
N GLY B 181 11.61 17.94 -14.41
CA GLY B 181 11.70 18.99 -15.40
C GLY B 181 11.43 20.36 -14.82
N LYS B 182 11.44 21.36 -15.69
CA LYS B 182 11.22 22.73 -15.31
C LYS B 182 10.02 23.29 -16.06
N GLU B 183 9.31 24.20 -15.38
CA GLU B 183 8.20 24.92 -15.98
C GLU B 183 8.00 26.19 -15.16
N GLY B 184 7.79 27.31 -15.85
CA GLY B 184 7.56 28.56 -15.16
C GLY B 184 8.71 28.84 -14.20
N ASP B 185 8.38 29.14 -12.96
CA ASP B 185 9.41 29.44 -11.96
C ASP B 185 9.81 28.24 -11.11
N PHE B 186 9.54 27.04 -11.60
CA PHE B 186 9.74 25.82 -10.80
C PHE B 186 10.64 24.78 -11.43
N VAL B 187 11.37 24.05 -10.60
CA VAL B 187 11.94 22.76 -10.99
C VAL B 187 11.27 21.69 -10.11
N ARG B 188 10.91 20.59 -10.74
CA ARG B 188 10.19 19.50 -10.09
C ARG B 188 11.05 18.26 -9.95
N TYR B 189 10.99 17.67 -8.76
CA TYR B 189 11.65 16.40 -8.43
C TYR B 189 10.62 15.39 -7.94
N ARG B 190 10.93 14.12 -8.11
CA ARG B 190 10.04 13.05 -7.67
C ARG B 190 10.83 12.02 -6.86
N SER B 191 10.28 11.63 -5.71
CA SER B 191 10.86 10.54 -4.95
C SER B 191 10.18 9.24 -5.36
N ALA B 192 10.72 8.10 -4.93
CA ALA B 192 10.27 6.81 -5.44
C ALA B 192 9.02 6.23 -4.78
N GLY B 193 8.63 6.79 -3.64
CA GLY B 193 7.40 6.38 -2.97
C GLY B 193 6.16 6.79 -3.73
N ASP B 194 5.01 6.34 -3.22
CA ASP B 194 3.73 6.57 -3.89
C ASP B 194 2.93 7.72 -3.28
N ILE B 195 3.55 8.44 -2.35
CA ILE B 195 2.88 9.47 -1.55
C ILE B 195 3.98 10.43 -1.06
N GLY B 196 3.63 11.71 -0.84
CA GLY B 196 4.62 12.67 -0.36
C GLY B 196 5.83 12.77 -1.27
N ASN B 197 5.58 12.77 -2.57
CA ASN B 197 6.63 12.43 -3.53
C ASN B 197 6.94 13.46 -4.61
N VAL B 198 6.13 14.49 -4.76
CA VAL B 198 6.36 15.48 -5.80
C VAL B 198 6.83 16.80 -5.17
N ILE B 199 8.12 17.08 -5.34
CA ILE B 199 8.77 18.20 -4.65
C ILE B 199 9.11 19.30 -5.66
N ASP B 200 8.43 20.43 -5.54
CA ASP B 200 8.69 21.58 -6.39
C ASP B 200 9.60 22.55 -5.66
N LEU B 201 10.53 23.12 -6.40
CA LEU B 201 11.48 24.07 -5.88
C LEU B 201 11.32 25.35 -6.70
N LYS B 202 10.98 26.44 -6.01
CA LYS B 202 10.93 27.74 -6.65
C LYS B 202 12.33 28.21 -7.05
N LEU B 203 12.43 28.70 -8.29
CA LEU B 203 13.72 29.03 -8.89
C LEU B 203 14.24 30.42 -8.52
N THR B 204 13.34 31.33 -8.16
CA THR B 204 13.73 32.69 -7.80
C THR B 204 13.38 32.98 -6.33
N PRO B 205 14.40 33.33 -5.52
CA PRO B 205 14.20 33.74 -4.12
C PRO B 205 13.24 34.93 -4.01
N ILE B 206 12.28 34.84 -3.09
CA ILE B 206 11.28 35.92 -2.88
C ILE B 206 11.54 36.84 -1.67
N GLY B 207 12.64 36.61 -0.98
CA GLY B 207 12.94 37.34 0.24
C GLY B 207 12.82 36.40 1.43
N ARG B 208 13.70 36.60 2.42
CA ARG B 208 13.78 35.70 3.57
C ARG B 208 12.49 35.68 4.39
N GLY B 209 12.14 34.49 4.88
CA GLY B 209 11.01 34.37 5.78
C GLY B 209 11.41 34.70 7.20
N GLN B 210 10.42 34.76 8.08
CA GLN B 210 10.69 34.91 9.49
C GLN B 210 10.03 33.77 10.26
N MET B 211 10.79 33.15 11.16
CA MET B 211 10.30 32.12 12.09
C MET B 211 9.09 32.64 12.89
N GLY B 212 8.17 31.75 13.22
CA GLY B 212 7.00 32.09 14.02
C GLY B 212 5.75 31.42 13.51
N ALA B 213 4.62 31.74 14.12
CA ALA B 213 3.33 31.15 13.77
C ALA B 213 2.94 31.42 12.32
N GLY B 214 2.23 30.48 11.72
CA GLY B 214 1.83 30.57 10.32
C GLY B 214 2.96 30.32 9.34
N THR B 215 3.99 29.61 9.78
CA THR B 215 5.07 29.19 8.89
C THR B 215 5.36 27.72 9.15
N VAL B 216 5.84 27.02 8.10
CA VAL B 216 6.33 25.66 8.25
C VAL B 216 7.69 25.69 8.94
N HIS B 217 7.82 24.93 10.02
CA HIS B 217 9.07 24.85 10.77
C HIS B 217 10.14 23.97 10.11
N HIS B 218 9.73 22.79 9.65
CA HIS B 218 10.63 21.89 8.94
C HIS B 218 9.88 20.81 8.18
N ILE B 219 10.62 20.12 7.31
CA ILE B 219 10.12 19.00 6.53
C ILE B 219 10.98 17.77 6.79
N ALA B 220 10.31 16.66 7.06
CA ALA B 220 10.99 15.40 7.36
C ALA B 220 10.83 14.42 6.20
N TRP B 221 11.92 13.75 5.89
CA TRP B 221 12.01 12.74 4.83
C TRP B 221 12.12 11.38 5.48
N ARG B 222 11.58 10.37 4.81
CA ARG B 222 11.54 9.01 5.33
C ARG B 222 12.85 8.25 5.25
N ALA B 223 13.13 7.53 6.33
CA ALA B 223 14.08 6.42 6.37
C ALA B 223 13.27 5.17 6.68
N ASN B 224 13.71 4.03 6.16
CA ASN B 224 12.95 2.77 6.28
C ASN B 224 12.90 2.21 7.69
N ASP B 225 14.00 2.42 8.42
CA ASP B 225 14.19 1.89 9.77
C ASP B 225 15.36 2.58 10.43
N ASP B 226 15.67 2.15 11.66
CA ASP B 226 16.74 2.77 12.43
C ASP B 226 18.11 2.67 11.73
N GLU B 227 18.42 1.50 11.18
CA GLU B 227 19.69 1.29 10.45
C GLU B 227 19.85 2.27 9.29
N ASP B 228 18.78 2.41 8.51
CA ASP B 228 18.78 3.31 7.38
C ASP B 228 19.04 4.74 7.85
N GLN B 229 18.39 5.14 8.93
CA GLN B 229 18.62 6.48 9.46
C GLN B 229 20.06 6.70 9.92
N LEU B 230 20.65 5.70 10.59
CA LEU B 230 22.05 5.81 10.97
C LEU B 230 22.94 5.99 9.73
N ASP B 231 22.63 5.29 8.64
CA ASP B 231 23.36 5.44 7.38
CA ASP B 231 23.36 5.46 7.39
C ASP B 231 23.18 6.87 6.85
N TRP B 232 21.95 7.40 6.89
CA TRP B 232 21.70 8.78 6.50
C TRP B 232 22.53 9.75 7.33
N GLN B 233 22.61 9.54 8.65
CA GLN B 233 23.38 10.46 9.50
C GLN B 233 24.83 10.51 9.09
N ARG B 234 25.42 9.34 8.83
CA ARG B 234 26.83 9.28 8.45
C ARG B 234 27.03 9.93 7.09
N TYR B 235 26.09 9.65 6.17
CA TYR B 235 26.09 10.20 4.82
CA TYR B 235 26.14 10.20 4.83
C TYR B 235 26.01 11.73 4.82
N ILE B 236 24.99 12.26 5.50
CA ILE B 236 24.76 13.69 5.55
C ILE B 236 25.94 14.45 6.18
N ALA B 237 26.49 13.90 7.25
CA ALA B 237 27.61 14.56 7.96
C ALA B 237 28.89 14.59 7.14
N SER B 238 29.07 13.61 6.25
CA SER B 238 30.27 13.57 5.39
C SER B 238 30.09 14.33 4.08
N HIS B 239 28.88 14.81 3.83
CA HIS B 239 28.58 15.53 2.60
C HIS B 239 28.28 17.02 2.81
N GLY B 240 28.85 17.60 3.85
CA GLY B 240 28.88 19.04 3.99
C GLY B 240 27.79 19.72 4.81
N TYR B 241 27.08 18.94 5.63
CA TYR B 241 26.03 19.47 6.52
C TYR B 241 26.31 19.10 7.96
N GLY B 242 25.87 19.96 8.89
CA GLY B 242 25.82 19.61 10.30
C GLY B 242 24.56 18.78 10.54
N VAL B 243 24.69 17.67 11.25
CA VAL B 243 23.54 16.82 11.52
C VAL B 243 23.45 16.51 13.03
N THR B 244 22.24 16.53 13.58
CA THR B 244 22.06 16.25 15.01
C THR B 244 22.24 14.78 15.33
N PRO B 245 22.43 14.47 16.63
CA PRO B 245 22.29 13.09 17.08
C PRO B 245 20.87 12.59 16.84
N VAL B 246 20.70 11.27 16.86
CA VAL B 246 19.38 10.67 16.80
C VAL B 246 18.63 11.03 18.07
N ARG B 247 17.40 11.52 17.89
CA ARG B 247 16.52 11.85 18.99
C ARG B 247 15.28 10.95 18.92
N ASP B 248 14.99 10.29 20.02
CA ASP B 248 13.81 9.41 20.12
C ASP B 248 12.55 10.27 20.33
N ARG B 249 11.69 10.34 19.31
CA ARG B 249 10.42 11.07 19.41
C ARG B 249 9.23 10.14 19.65
N ASN B 250 9.51 8.94 20.15
CA ASN B 250 8.49 7.96 20.56
C ASN B 250 7.81 7.26 19.38
N TYR B 251 7.35 8.04 18.39
CA TYR B 251 6.60 7.49 17.25
C TYR B 251 7.49 7.31 16.02
N PHE B 252 8.73 7.76 16.17
CA PHE B 252 9.81 7.66 15.17
C PHE B 252 11.06 8.22 15.83
N ASN B 253 12.22 7.86 15.27
CA ASN B 253 13.47 8.51 15.62
C ASN B 253 13.78 9.57 14.56
N ALA B 254 14.45 10.63 14.99
CA ALA B 254 14.71 11.84 14.17
C ALA B 254 16.16 12.28 14.18
N ILE B 255 16.65 12.73 13.03
CA ILE B 255 17.86 13.57 12.96
C ILE B 255 17.50 14.80 12.14
N TYR B 256 18.21 15.90 12.40
CA TYR B 256 17.90 17.15 11.74
C TYR B 256 19.14 17.75 11.13
N PHE B 257 18.95 18.42 10.00
CA PHE B 257 20.03 19.18 9.39
C PHE B 257 19.48 20.37 8.61
N ARG B 258 20.08 21.54 8.80
CA ARG B 258 19.68 22.72 8.02
C ARG B 258 20.46 22.70 6.72
N GLU B 259 19.74 22.81 5.60
CA GLU B 259 20.40 22.73 4.31
C GLU B 259 20.89 24.12 3.86
N HIS B 260 21.57 24.19 2.73
CA HIS B 260 22.26 25.43 2.36
C HIS B 260 21.35 26.58 1.94
N GLY B 261 20.12 26.25 1.55
CA GLY B 261 19.11 27.25 1.27
C GLY B 261 18.36 27.66 2.52
N GLU B 262 18.84 27.18 3.67
CA GLU B 262 18.33 27.54 5.02
C GLU B 262 17.03 26.85 5.48
N ILE B 263 16.53 25.92 4.68
CA ILE B 263 15.38 25.12 5.09
C ILE B 263 15.85 24.07 6.10
N LEU B 264 15.09 23.88 7.17
CA LEU B 264 15.37 22.79 8.10
C LEU B 264 14.81 21.45 7.59
N PHE B 265 15.70 20.50 7.37
CA PHE B 265 15.33 19.15 6.94
C PHE B 265 15.49 18.21 8.13
N GLU B 266 14.75 17.12 8.03
CA GLU B 266 14.77 16.05 9.01
C GLU B 266 14.75 14.70 8.29
N ILE B 267 15.39 13.71 8.87
CA ILE B 267 15.17 12.34 8.44
C ILE B 267 14.49 11.62 9.60
N ALA B 268 13.31 11.07 9.35
CA ALA B 268 12.53 10.38 10.38
C ALA B 268 12.26 8.92 9.96
N THR B 269 12.37 7.99 10.90
CA THR B 269 12.12 6.59 10.60
C THR B 269 10.64 6.31 10.41
N ASP B 270 10.33 5.45 9.46
CA ASP B 270 8.93 5.01 9.26
C ASP B 270 8.38 4.38 10.56
N PRO B 271 9.10 3.39 11.17
CA PRO B 271 8.59 2.81 12.42
C PRO B 271 8.95 3.65 13.66
N PRO B 272 8.25 3.41 14.78
CA PRO B 272 7.17 2.42 14.98
C PRO B 272 5.78 2.92 14.61
N GLY B 273 5.61 4.22 14.48
CA GLY B 273 4.30 4.82 14.27
C GLY B 273 3.52 5.14 15.53
N PHE B 274 2.28 5.55 15.32
CA PHE B 274 1.48 6.16 16.39
C PHE B 274 0.67 5.18 17.23
N ALA B 275 0.64 3.92 16.84
CA ALA B 275 0.01 2.88 17.66
C ALA B 275 0.98 2.23 18.67
N HIS B 276 2.12 2.87 18.93
CA HIS B 276 3.06 2.41 19.96
C HIS B 276 2.30 2.31 21.29
N ASP B 277 1.78 3.45 21.74
CA ASP B 277 1.32 3.61 23.12
C ASP B 277 -0.19 3.82 23.26
N GLU B 278 -0.89 3.70 22.12
CA GLU B 278 -2.33 3.61 22.07
C GLU B 278 -2.65 2.59 20.99
N THR B 279 -3.85 2.03 21.03
CA THR B 279 -4.25 1.08 19.98
C THR B 279 -4.54 1.84 18.70
N GLN B 280 -4.43 1.14 17.58
CA GLN B 280 -4.79 1.69 16.26
C GLN B 280 -6.19 2.32 16.28
N GLU B 281 -7.13 1.66 16.95
CA GLU B 281 -8.53 2.10 17.01
C GLU B 281 -8.75 3.37 17.83
N THR B 282 -7.86 3.62 18.80
CA THR B 282 -8.03 4.72 19.76
C THR B 282 -6.94 5.81 19.70
N MET B 283 -5.91 5.63 18.87
CA MET B 283 -4.82 6.62 18.90
C MET B 283 -5.36 8.02 18.59
N GLY B 284 -4.82 9.00 19.29
CA GLY B 284 -5.21 10.39 19.15
C GLY B 284 -6.25 10.83 20.15
N GLU B 285 -6.69 9.91 21.03
CA GLU B 285 -7.77 10.22 21.98
C GLU B 285 -7.30 10.70 23.37
N LYS B 286 -6.08 10.37 23.75
CA LYS B 286 -5.56 10.73 25.09
C LYS B 286 -4.27 11.54 24.95
N LEU B 287 -3.96 12.36 25.95
CA LEU B 287 -2.70 13.10 25.96
C LEU B 287 -1.56 12.17 26.34
N MET B 288 -0.74 11.80 25.34
CA MET B 288 0.40 10.93 25.58
C MET B 288 1.63 11.74 25.92
N LEU B 289 2.41 11.27 26.89
CA LEU B 289 3.62 11.97 27.29
C LEU B 289 4.87 11.11 27.13
N PRO B 290 5.99 11.73 26.70
CA PRO B 290 7.24 11.00 26.81
C PRO B 290 7.48 10.71 28.29
N VAL B 291 7.94 9.48 28.60
CA VAL B 291 8.00 9.00 29.99
C VAL B 291 8.74 9.95 30.93
N GLN B 292 9.73 10.68 30.39
CA GLN B 292 10.46 11.70 31.14
C GLN B 292 9.57 12.83 31.69
N TYR B 293 8.44 13.10 31.02
CA TYR B 293 7.51 14.14 31.49
C TYR B 293 6.27 13.58 32.21
N GLU B 294 6.13 12.26 32.24
CA GLU B 294 4.99 11.61 32.92
C GLU B 294 4.86 11.98 34.40
N PRO B 295 5.99 12.14 35.13
CA PRO B 295 5.91 12.62 36.52
C PRO B 295 5.43 14.07 36.65
N HIS B 296 5.32 14.80 35.54
CA HIS B 296 4.80 16.17 35.60
C HIS B 296 3.50 16.34 34.81
N ARG B 297 2.72 15.26 34.74
CA ARG B 297 1.47 15.23 33.98
C ARG B 297 0.52 16.34 34.42
N THR B 298 0.31 16.46 35.73
CA THR B 298 -0.66 17.42 36.24
C THR B 298 -0.34 18.87 35.86
N GLN B 299 0.91 19.29 36.07
CA GLN B 299 1.36 20.65 35.68
C GLN B 299 1.22 20.87 34.17
N ILE B 300 1.64 19.89 33.37
CA ILE B 300 1.52 19.97 31.91
C ILE B 300 0.05 20.14 31.50
N GLU B 301 -0.81 19.25 31.98
CA GLU B 301 -2.22 19.27 31.59
C GLU B 301 -2.94 20.56 31.98
N GLN B 302 -2.57 21.16 33.11
CA GLN B 302 -3.25 22.37 33.56
C GLN B 302 -2.82 23.63 32.79
N GLY B 303 -1.67 23.56 32.13
CA GLY B 303 -1.19 24.66 31.30
C GLY B 303 -1.58 24.58 29.84
N LEU B 304 -2.26 23.50 29.44
CA LEU B 304 -2.67 23.31 28.05
C LEU B 304 -4.09 23.78 27.84
N LEU B 305 -4.34 24.41 26.70
CA LEU B 305 -5.67 24.85 26.35
C LEU B 305 -6.51 23.65 25.90
N PRO B 306 -7.76 23.58 26.36
CA PRO B 306 -8.63 22.47 25.98
C PRO B 306 -9.09 22.56 24.52
N PHE B 307 -9.36 21.40 23.93
CA PHE B 307 -9.90 21.32 22.57
C PHE B 307 -10.53 19.94 22.35
N GLU B 308 -11.43 19.88 21.38
CA GLU B 308 -12.12 18.64 21.01
C GLU B 308 -12.12 18.46 19.51
N VAL B 309 -11.93 17.22 19.06
CA VAL B 309 -12.13 16.85 17.67
C VAL B 309 -13.63 16.72 17.48
N ARG B 310 -14.15 17.44 16.49
CA ARG B 310 -15.59 17.48 16.23
C ARG B 310 -15.91 17.59 14.74
N GLU B 311 -17.01 16.96 14.35
CA GLU B 311 -17.55 17.12 13.01
C GLU B 311 -18.26 18.47 12.92
N LEU B 312 -18.09 19.15 11.79
CA LEU B 312 -18.61 20.49 11.61
C LEU B 312 -19.80 20.50 10.67
#